data_3CQB
#
_entry.id   3CQB
#
_cell.length_a   75.873
_cell.length_b   75.873
_cell.length_c   65.471
_cell.angle_alpha   90.00
_cell.angle_beta   90.00
_cell.angle_gamma   120.00
#
_symmetry.space_group_name_H-M   'P 32 2 1'
#
loop_
_entity.id
_entity.type
_entity.pdbx_description
1 polymer 'Probable protease htpX homolog'
2 non-polymer 'CHLORIDE ION'
3 non-polymer 'SODIUM ION'
4 non-polymer 1,2-ETHANEDIOL
5 non-polymer GLYCEROL
6 water water
#
_entity_poly.entity_id   1
_entity_poly.type   'polypeptide(L)'
_entity_poly.pdbx_seq_one_letter_code
;SNASKG(MSE)ALRSVGG(MSE)VIESPRNETEHWLLETVGRQAQQAGIG(MSE)PTVAIYDSADINAFATGAKRDDSLV
AVSTGLLHN(MSE)TRDEAEAVLAHEVSHIANGD(MSE)VT(MSE)TL(MSE)QG
;
_entity_poly.pdbx_strand_id   A,B
#
loop_
_chem_comp.id
_chem_comp.type
_chem_comp.name
_chem_comp.formula
CL non-polymer 'CHLORIDE ION' 'Cl -1'
EDO non-polymer 1,2-ETHANEDIOL 'C2 H6 O2'
GOL non-polymer GLYCEROL 'C3 H8 O3'
NA non-polymer 'SODIUM ION' 'Na 1'
#
# COMPACT_ATOMS: atom_id res chain seq x y z
N ASN A 2 26.78 5.36 -29.21
CA ASN A 2 26.07 5.48 -30.55
C ASN A 2 25.15 4.29 -30.95
N ALA A 3 25.57 3.10 -30.56
CA ALA A 3 24.78 1.88 -30.70
C ALA A 3 23.44 1.97 -29.94
N SER A 4 23.46 2.55 -28.74
CA SER A 4 22.30 2.57 -27.85
C SER A 4 21.22 3.59 -28.24
N LYS A 5 21.53 4.53 -29.14
CA LYS A 5 20.57 5.61 -29.43
C LYS A 5 19.30 5.00 -29.98
N GLY A 6 18.15 5.38 -29.44
CA GLY A 6 16.88 4.81 -29.93
C GLY A 6 16.44 3.47 -29.33
N MSE A 7 17.35 2.79 -28.60
CA MSE A 7 17.03 1.49 -28.00
C MSE A 7 16.31 1.74 -26.68
O MSE A 7 16.37 2.88 -26.14
CB MSE A 7 18.31 0.67 -27.74
CG MSE A 7 19.14 0.36 -29.00
SE MSE A 7 20.63 -0.83 -28.57
CE MSE A 7 19.73 -2.55 -28.74
N ALA A 8 15.64 0.71 -26.14
CA ALA A 8 15.05 0.85 -24.77
C ALA A 8 16.21 0.98 -23.79
N LEU A 9 16.06 1.91 -22.83
CA LEU A 9 17.11 2.22 -21.87
C LEU A 9 16.58 1.94 -20.47
N ARG A 10 17.52 1.71 -19.56
CA ARG A 10 17.19 1.60 -18.16
C ARG A 10 16.53 2.91 -17.66
N SER A 11 15.51 2.77 -16.82
CA SER A 11 14.96 3.93 -16.11
C SER A 11 16.04 4.62 -15.30
N VAL A 12 15.94 5.94 -15.22
CA VAL A 12 16.85 6.77 -14.46
C VAL A 12 16.21 7.04 -13.09
N GLY A 13 16.82 6.54 -12.03
CA GLY A 13 16.23 6.71 -10.69
C GLY A 13 16.15 8.19 -10.37
N GLY A 14 14.97 8.66 -9.94
CA GLY A 14 14.81 10.03 -9.50
C GLY A 14 14.35 10.96 -10.62
N MSE A 15 14.22 10.43 -11.84
CA MSE A 15 13.84 11.27 -12.97
C MSE A 15 12.33 11.16 -13.18
O MSE A 15 11.74 10.07 -13.14
CB MSE A 15 14.58 10.86 -14.26
CG MSE A 15 14.68 11.96 -15.32
SE MSE A 15 16.22 13.26 -15.19
CE MSE A 15 15.61 14.40 -13.78
N VAL A 16 11.69 12.31 -13.38
CA VAL A 16 10.30 12.32 -13.69
C VAL A 16 10.13 11.71 -15.08
N ILE A 17 9.13 10.86 -15.26
CA ILE A 17 8.91 10.16 -16.53
C ILE A 17 8.02 10.99 -17.45
N GLU A 18 8.60 11.43 -18.55
CA GLU A 18 7.86 12.21 -19.55
C GLU A 18 7.64 11.32 -20.78
N SER A 19 8.71 11.04 -21.52
N SER A 19 8.70 11.03 -21.51
CA SER A 19 8.62 10.11 -22.65
CA SER A 19 8.62 10.12 -22.65
C SER A 19 9.20 8.76 -22.20
C SER A 19 9.20 8.76 -22.20
N PRO A 20 8.38 7.70 -22.21
CA PRO A 20 8.87 6.40 -21.67
C PRO A 20 10.19 5.93 -22.31
N ARG A 21 11.13 5.51 -21.45
CA ARG A 21 12.42 4.99 -21.90
C ARG A 21 12.35 3.48 -22.20
N ASN A 22 11.32 2.83 -21.69
CA ASN A 22 11.18 1.39 -21.84
C ASN A 22 9.74 0.97 -21.62
N GLU A 23 9.47 -0.32 -21.82
CA GLU A 23 8.06 -0.75 -21.86
C GLU A 23 7.41 -0.66 -20.47
N THR A 24 8.19 -0.89 -19.42
CA THR A 24 7.65 -0.73 -18.06
C THR A 24 7.22 0.72 -17.80
N GLU A 25 8.02 1.68 -18.23
CA GLU A 25 7.63 3.11 -18.09
C GLU A 25 6.31 3.41 -18.82
N HIS A 26 6.15 2.86 -20.02
CA HIS A 26 4.91 3.07 -20.77
C HIS A 26 3.73 2.49 -20.02
N TRP A 27 3.89 1.25 -19.55
CA TRP A 27 2.85 0.59 -18.76
C TRP A 27 2.52 1.40 -17.50
N LEU A 28 3.55 1.92 -16.84
CA LEU A 28 3.31 2.70 -15.61
C LEU A 28 2.50 3.98 -15.85
N LEU A 29 2.88 4.76 -16.87
CA LEU A 29 2.09 5.93 -17.23
C LEU A 29 0.65 5.60 -17.61
N GLU A 30 0.48 4.54 -18.39
N GLU A 30 0.47 4.53 -18.39
CA GLU A 30 -0.86 4.11 -18.82
CA GLU A 30 -0.88 4.12 -18.82
C GLU A 30 -1.74 3.69 -17.65
C GLU A 30 -1.76 3.66 -17.67
N THR A 31 -1.15 2.92 -16.74
CA THR A 31 -1.84 2.41 -15.57
C THR A 31 -2.21 3.58 -14.65
N VAL A 32 -1.23 4.41 -14.29
CA VAL A 32 -1.51 5.54 -13.41
C VAL A 32 -2.54 6.51 -14.04
N GLY A 33 -2.40 6.76 -15.35
CA GLY A 33 -3.34 7.60 -16.13
C GLY A 33 -4.77 7.10 -16.07
N ARG A 34 -4.94 5.80 -16.29
CA ARG A 34 -6.26 5.18 -16.19
C ARG A 34 -6.87 5.28 -14.79
N GLN A 35 -6.04 5.04 -13.77
CA GLN A 35 -6.50 5.09 -12.39
C GLN A 35 -6.89 6.52 -11.99
N ALA A 36 -6.07 7.47 -12.44
CA ALA A 36 -6.34 8.90 -12.19
C ALA A 36 -7.64 9.33 -12.86
N GLN A 37 -7.80 8.97 -14.14
CA GLN A 37 -9.05 9.25 -14.85
C GLN A 37 -10.25 8.66 -14.08
N GLN A 38 -10.14 7.41 -13.63
CA GLN A 38 -11.26 6.75 -12.95
C GLN A 38 -11.56 7.38 -11.60
N ALA A 39 -10.51 7.82 -10.90
CA ALA A 39 -10.67 8.49 -9.60
C ALA A 39 -11.08 9.94 -9.73
N GLY A 40 -11.10 10.45 -10.97
CA GLY A 40 -11.52 11.81 -11.26
C GLY A 40 -10.52 12.88 -10.91
N ILE A 41 -9.23 12.55 -10.96
CA ILE A 41 -8.17 13.52 -10.67
C ILE A 41 -7.25 13.71 -11.88
N GLY A 42 -6.47 14.78 -11.85
CA GLY A 42 -5.47 15.07 -12.88
C GLY A 42 -4.37 14.00 -12.86
N MSE A 43 -3.64 13.87 -13.98
CA MSE A 43 -2.54 12.91 -14.10
C MSE A 43 -1.42 13.27 -13.10
O MSE A 43 -0.85 14.34 -13.19
CB MSE A 43 -2.01 12.95 -15.54
CG MSE A 43 -0.78 12.10 -15.79
SE MSE A 43 -1.27 10.26 -15.69
CE MSE A 43 0.50 9.40 -15.56
N PRO A 44 -1.12 12.38 -12.15
CA PRO A 44 0.06 12.60 -11.31
C PRO A 44 1.38 12.64 -12.08
N THR A 45 2.36 13.36 -11.56
CA THR A 45 3.76 13.18 -11.94
C THR A 45 4.15 11.75 -11.51
N VAL A 46 4.95 11.05 -12.32
CA VAL A 46 5.37 9.69 -11.99
C VAL A 46 6.89 9.59 -12.06
N ALA A 47 7.53 9.00 -11.05
CA ALA A 47 8.96 8.78 -11.11
C ALA A 47 9.31 7.38 -10.60
N ILE A 48 10.41 6.82 -11.08
CA ILE A 48 10.93 5.58 -10.51
C ILE A 48 12.20 5.99 -9.77
N TYR A 49 12.42 5.39 -8.59
CA TYR A 49 13.67 5.63 -7.85
C TYR A 49 14.37 4.33 -7.56
N ASP A 50 15.70 4.38 -7.43
CA ASP A 50 16.50 3.17 -7.23
C ASP A 50 16.42 2.79 -5.77
N SER A 51 15.95 1.57 -5.51
CA SER A 51 16.05 0.99 -4.15
C SER A 51 15.78 -0.51 -4.24
N ALA A 52 16.46 -1.26 -3.40
CA ALA A 52 16.16 -2.67 -3.23
C ALA A 52 14.85 -2.87 -2.47
N ASP A 53 14.41 -1.89 -1.68
CA ASP A 53 13.13 -2.09 -0.99
C ASP A 53 11.98 -1.98 -1.96
N ILE A 54 10.88 -2.66 -1.61
CA ILE A 54 9.68 -2.68 -2.43
C ILE A 54 8.76 -1.60 -1.84
N ASN A 55 8.62 -0.47 -2.52
CA ASN A 55 7.85 0.62 -1.96
C ASN A 55 7.25 1.46 -3.07
N ALA A 56 6.05 1.98 -2.85
CA ALA A 56 5.54 3.07 -3.67
C ALA A 56 5.03 4.14 -2.70
N PHE A 57 5.23 5.39 -3.05
CA PHE A 57 4.64 6.47 -2.27
C PHE A 57 4.00 7.51 -3.14
N ALA A 58 3.07 8.27 -2.56
CA ALA A 58 2.31 9.24 -3.35
C ALA A 58 1.92 10.40 -2.46
N THR A 59 1.83 11.56 -3.07
CA THR A 59 1.18 12.66 -2.37
C THR A 59 0.17 13.39 -3.26
N GLY A 60 -1.02 13.67 -2.72
CA GLY A 60 -2.00 14.53 -3.39
C GLY A 60 -2.29 15.78 -2.58
N ALA A 61 -1.36 16.17 -1.71
CA ALA A 61 -1.57 17.32 -0.80
C ALA A 61 -1.74 18.67 -1.52
N LYS A 62 -1.14 18.81 -2.70
CA LYS A 62 -1.30 20.02 -3.50
C LYS A 62 -2.30 19.77 -4.62
N ASP A 65 0.22 18.47 -10.16
CA ASP A 65 -0.23 18.42 -8.78
C ASP A 65 0.30 17.25 -7.97
N SER A 66 -0.08 16.05 -8.27
CA SER A 66 0.33 15.02 -7.38
C SER A 66 1.51 14.26 -7.92
N LEU A 67 2.06 13.40 -7.07
CA LEU A 67 3.22 12.63 -7.49
C LEU A 67 3.07 11.20 -7.00
N VAL A 68 3.49 10.25 -7.85
CA VAL A 68 3.56 8.82 -7.49
C VAL A 68 4.98 8.38 -7.80
N ALA A 69 5.63 7.78 -6.82
CA ALA A 69 7.04 7.36 -6.97
C ALA A 69 7.13 5.88 -6.63
N VAL A 70 7.79 5.10 -7.48
CA VAL A 70 7.83 3.66 -7.31
C VAL A 70 9.27 3.21 -7.28
N SER A 71 9.61 2.27 -6.39
CA SER A 71 10.99 1.79 -6.34
C SER A 71 11.24 0.77 -7.42
N THR A 72 12.49 0.69 -7.91
CA THR A 72 12.90 -0.42 -8.76
C THR A 72 12.64 -1.76 -8.07
N GLY A 73 12.92 -1.86 -6.78
CA GLY A 73 12.63 -3.11 -6.05
C GLY A 73 11.18 -3.57 -6.27
N LEU A 74 10.23 -2.63 -6.20
CA LEU A 74 8.81 -2.97 -6.43
C LEU A 74 8.61 -3.53 -7.86
N LEU A 75 9.13 -2.80 -8.84
CA LEU A 75 9.00 -3.21 -10.26
C LEU A 75 9.67 -4.54 -10.55
N HIS A 76 10.76 -4.83 -9.86
CA HIS A 76 11.44 -6.12 -10.04
C HIS A 76 10.68 -7.28 -9.40
N ASN A 77 9.98 -7.00 -8.32
CA ASN A 77 9.45 -8.07 -7.52
C ASN A 77 7.95 -8.34 -7.71
N MSE A 78 7.21 -7.34 -8.18
CA MSE A 78 5.74 -7.47 -8.31
C MSE A 78 5.35 -7.74 -9.74
O MSE A 78 6.00 -7.21 -10.66
CB MSE A 78 5.02 -6.21 -7.83
CG MSE A 78 5.19 -5.96 -6.37
SE MSE A 78 3.87 -4.65 -5.81
CE MSE A 78 4.25 -4.78 -4.00
N THR A 79 4.33 -8.57 -9.93
CA THR A 79 3.75 -8.73 -11.25
C THR A 79 2.99 -7.46 -11.63
N ARG A 80 2.65 -7.31 -12.90
CA ARG A 80 1.81 -6.17 -13.29
C ARG A 80 0.51 -6.08 -12.49
N ASP A 81 -0.22 -7.19 -12.34
CA ASP A 81 -1.48 -7.14 -11.56
C ASP A 81 -1.25 -6.68 -10.12
N GLU A 82 -0.19 -7.17 -9.48
CA GLU A 82 0.11 -6.82 -8.09
C GLU A 82 0.46 -5.35 -7.98
N ALA A 83 1.34 -4.89 -8.87
CA ALA A 83 1.74 -3.48 -8.89
C ALA A 83 0.54 -2.58 -9.21
N GLU A 84 -0.31 -3.01 -10.14
CA GLU A 84 -1.50 -2.23 -10.49
C GLU A 84 -2.39 -2.04 -9.24
N ALA A 85 -2.54 -3.10 -8.44
CA ALA A 85 -3.42 -3.02 -7.26
C ALA A 85 -2.86 -2.03 -6.21
N VAL A 86 -1.54 -2.01 -6.05
CA VAL A 86 -0.89 -1.09 -5.12
C VAL A 86 -1.09 0.34 -5.61
N LEU A 87 -0.87 0.55 -6.91
CA LEU A 87 -1.00 1.87 -7.48
C LEU A 87 -2.45 2.37 -7.37
N ALA A 88 -3.42 1.51 -7.70
CA ALA A 88 -4.83 1.89 -7.58
C ALA A 88 -5.16 2.35 -6.16
N HIS A 89 -4.64 1.61 -5.18
CA HIS A 89 -4.89 1.96 -3.77
C HIS A 89 -4.28 3.30 -3.41
N GLU A 90 -3.04 3.54 -3.82
CA GLU A 90 -2.40 4.85 -3.60
C GLU A 90 -3.07 6.00 -4.32
N VAL A 91 -3.54 5.75 -5.55
CA VAL A 91 -4.33 6.77 -6.26
C VAL A 91 -5.60 7.13 -5.48
N SER A 92 -6.23 6.16 -4.82
CA SER A 92 -7.43 6.46 -4.01
C SER A 92 -7.11 7.44 -2.87
N HIS A 93 -5.92 7.33 -2.29
CA HIS A 93 -5.48 8.26 -1.27
C HIS A 93 -5.18 9.65 -1.80
N ILE A 94 -4.52 9.70 -2.95
CA ILE A 94 -4.24 10.98 -3.60
C ILE A 94 -5.57 11.66 -3.85
N ALA A 95 -6.55 10.88 -4.31
CA ALA A 95 -7.85 11.47 -4.69
C ALA A 95 -8.53 12.11 -3.47
N ASN A 96 -8.25 11.58 -2.28
CA ASN A 96 -8.70 12.19 -1.03
C ASN A 96 -7.86 13.37 -0.54
N GLY A 97 -6.85 13.79 -1.31
CA GLY A 97 -5.92 14.83 -0.88
C GLY A 97 -4.99 14.38 0.24
N ASP A 98 -4.76 13.08 0.33
CA ASP A 98 -3.89 12.52 1.37
C ASP A 98 -2.54 12.06 0.81
N MSE A 99 -1.66 11.61 1.70
CA MSE A 99 -0.31 11.16 1.31
C MSE A 99 -0.18 9.73 1.82
O MSE A 99 -0.73 9.38 2.88
CB MSE A 99 0.75 12.06 1.95
CG MSE A 99 0.81 13.54 1.42
SE MSE A 99 1.28 14.82 2.79
CE MSE A 99 -0.49 15.00 3.55
N VAL A 100 0.56 8.88 1.10
CA VAL A 100 0.63 7.49 1.51
C VAL A 100 1.99 6.92 1.14
N THR A 101 2.51 6.02 1.96
CA THR A 101 3.69 5.26 1.56
C THR A 101 3.45 3.80 1.97
N MSE A 102 3.89 2.86 1.14
CA MSE A 102 3.58 1.45 1.43
C MSE A 102 4.77 0.63 1.04
O MSE A 102 5.29 0.75 -0.11
CB MSE A 102 2.38 0.97 0.59
CG MSE A 102 1.80 -0.37 1.03
SE MSE A 102 0.50 -1.10 -0.25
CE MSE A 102 -0.49 0.49 -0.70
N THR A 103 5.21 -0.21 1.97
CA THR A 103 6.40 -1.03 1.73
C THR A 103 6.00 -2.47 1.91
N LEU A 104 6.52 -3.36 1.06
CA LEU A 104 6.28 -4.80 1.20
C LEU A 104 7.59 -5.50 1.53
N MSE A 105 7.49 -6.56 2.33
CA MSE A 105 8.59 -7.50 2.55
C MSE A 105 8.01 -8.83 2.04
O MSE A 105 7.04 -9.34 2.59
CB MSE A 105 8.95 -7.54 4.03
CG MSE A 105 9.54 -6.24 4.59
SE MSE A 105 8.18 -4.90 5.03
CE MSE A 105 9.14 -4.20 6.54
N GLN A 106 8.52 -9.37 0.92
CA GLN A 106 7.83 -10.52 0.28
C GLN A 106 8.11 -11.88 0.92
N MSE B 7 7.05 -13.04 16.28
CA MSE B 7 8.03 -11.91 16.38
C MSE B 7 7.49 -10.58 15.82
O MSE B 7 7.80 -9.50 16.37
CB MSE B 7 9.36 -12.29 15.73
CG MSE B 7 10.62 -12.46 16.69
SE MSE B 7 10.43 -12.99 18.58
CE MSE B 7 10.13 -11.19 19.22
N ALA B 8 6.68 -10.62 14.75
CA ALA B 8 6.12 -9.39 14.17
C ALA B 8 5.35 -8.56 15.21
N LEU B 9 4.59 -9.23 16.09
CA LEU B 9 3.85 -8.52 17.14
C LEU B 9 4.73 -8.03 18.30
N ARG B 10 5.52 -8.95 18.85
CA ARG B 10 6.30 -8.71 20.08
C ARG B 10 7.29 -7.57 19.90
N SER B 11 7.82 -7.45 18.69
CA SER B 11 8.92 -6.52 18.45
C SER B 11 8.43 -5.08 18.44
N VAL B 12 7.10 -4.90 18.24
CA VAL B 12 6.47 -3.55 18.24
C VAL B 12 5.62 -3.28 19.50
N GLY B 13 5.61 -4.26 20.40
CA GLY B 13 4.81 -4.18 21.63
C GLY B 13 3.33 -4.26 21.31
N GLY B 14 2.97 -4.93 20.20
CA GLY B 14 1.54 -5.10 19.79
C GLY B 14 0.76 -5.87 20.85
N MSE B 15 -0.53 -5.55 20.98
CA MSE B 15 -1.37 -6.12 22.01
C MSE B 15 -2.55 -6.81 21.31
O MSE B 15 -3.35 -6.15 20.60
CB MSE B 15 -1.89 -4.96 22.87
CG MSE B 15 -0.80 -4.48 23.84
SE MSE B 15 -1.16 -2.66 24.45
CE MSE B 15 -0.59 -1.68 22.84
N VAL B 16 -2.68 -8.11 21.52
CA VAL B 16 -3.67 -8.91 20.79
C VAL B 16 -5.06 -8.65 21.39
N ILE B 17 -6.05 -8.58 20.51
CA ILE B 17 -7.46 -8.57 20.92
C ILE B 17 -7.97 -10.02 20.87
N GLU B 18 -8.18 -10.65 22.03
CA GLU B 18 -8.62 -12.03 22.05
C GLU B 18 -10.12 -12.16 21.83
N SER B 19 -10.87 -11.17 22.28
CA SER B 19 -12.33 -11.14 22.12
C SER B 19 -12.72 -9.66 22.23
N PRO B 20 -13.81 -9.27 21.58
CA PRO B 20 -14.08 -7.82 21.56
C PRO B 20 -14.74 -7.33 22.85
N ARG B 21 -14.23 -6.23 23.40
CA ARG B 21 -14.73 -5.67 24.65
C ARG B 21 -15.15 -4.20 24.59
N ASN B 22 -15.18 -3.65 23.39
CA ASN B 22 -15.72 -2.29 23.19
C ASN B 22 -16.06 -2.15 21.70
N GLU B 23 -16.71 -1.06 21.33
CA GLU B 23 -17.20 -0.94 19.94
C GLU B 23 -16.06 -0.96 18.96
N THR B 24 -14.91 -0.38 19.33
CA THR B 24 -13.78 -0.29 18.39
C THR B 24 -13.24 -1.69 18.14
N GLU B 25 -13.07 -2.47 19.21
CA GLU B 25 -12.56 -3.85 19.02
C GLU B 25 -13.54 -4.71 18.21
N HIS B 26 -14.84 -4.57 18.51
CA HIS B 26 -15.88 -5.30 17.80
C HIS B 26 -15.82 -4.98 16.30
N TRP B 27 -15.71 -3.69 15.97
CA TRP B 27 -15.63 -3.26 14.57
C TRP B 27 -14.36 -3.80 13.89
N LEU B 28 -13.24 -3.72 14.58
CA LEU B 28 -11.97 -4.18 13.98
C LEU B 28 -11.98 -5.69 13.72
N LEU B 29 -12.45 -6.47 14.69
CA LEU B 29 -12.52 -7.93 14.49
C LEU B 29 -13.47 -8.31 13.37
N GLU B 30 -14.65 -7.70 13.35
CA GLU B 30 -15.68 -8.04 12.35
C GLU B 30 -15.21 -7.62 10.96
N THR B 31 -14.53 -6.46 10.88
CA THR B 31 -14.03 -5.97 9.60
C THR B 31 -12.96 -6.90 9.05
N VAL B 32 -11.96 -7.21 9.88
CA VAL B 32 -10.88 -8.09 9.41
C VAL B 32 -11.43 -9.49 9.12
N GLY B 33 -12.34 -9.94 9.98
CA GLY B 33 -12.98 -11.25 9.78
C GLY B 33 -13.71 -11.37 8.45
N ARG B 34 -14.49 -10.34 8.12
CA ARG B 34 -15.19 -10.34 6.83
C ARG B 34 -14.22 -10.32 5.66
N GLN B 35 -13.18 -9.49 5.76
CA GLN B 35 -12.20 -9.39 4.68
C GLN B 35 -11.42 -10.69 4.52
N ALA B 36 -11.05 -11.32 5.64
CA ALA B 36 -10.33 -12.59 5.59
C ALA B 36 -11.21 -13.64 4.91
N GLN B 37 -12.46 -13.72 5.36
CA GLN B 37 -13.44 -14.63 4.74
C GLN B 37 -13.55 -14.41 3.22
N GLN B 38 -13.73 -13.16 2.82
CA GLN B 38 -13.84 -12.85 1.39
C GLN B 38 -12.58 -13.19 0.59
N ALA B 39 -11.41 -13.09 1.23
CA ALA B 39 -10.12 -13.40 0.57
C ALA B 39 -9.75 -14.87 0.62
N GLY B 40 -10.57 -15.67 1.29
CA GLY B 40 -10.37 -17.13 1.32
C GLY B 40 -9.28 -17.57 2.27
N ILE B 41 -9.00 -16.75 3.28
CA ILE B 41 -7.94 -17.10 4.23
C ILE B 41 -8.49 -17.25 5.64
N GLY B 42 -7.71 -17.88 6.51
CA GLY B 42 -8.07 -18.04 7.91
C GLY B 42 -8.03 -16.69 8.62
N MSE B 43 -8.70 -16.62 9.76
CA MSE B 43 -8.75 -15.42 10.58
C MSE B 43 -7.33 -15.07 11.08
O MSE B 43 -6.73 -15.87 11.81
CB MSE B 43 -9.64 -15.71 11.79
CG MSE B 43 -9.84 -14.53 12.73
SE MSE B 43 -10.73 -13.05 11.80
CE MSE B 43 -10.24 -11.61 12.97
N PRO B 44 -6.82 -13.88 10.73
CA PRO B 44 -5.55 -13.45 11.32
C PRO B 44 -5.69 -13.09 12.79
N THR B 45 -4.59 -13.13 13.53
CA THR B 45 -4.51 -12.47 14.82
C THR B 45 -4.67 -10.97 14.56
N VAL B 46 -5.44 -10.29 15.43
CA VAL B 46 -5.64 -8.84 15.28
C VAL B 46 -5.11 -8.15 16.51
N ALA B 47 -4.33 -7.09 16.30
CA ALA B 47 -3.64 -6.40 17.38
C ALA B 47 -3.67 -4.90 17.19
N ILE B 48 -3.52 -4.18 18.29
CA ILE B 48 -3.35 -2.75 18.26
C ILE B 48 -1.97 -2.46 18.87
N TYR B 49 -1.24 -1.49 18.32
CA TYR B 49 0.02 -1.09 18.93
C TYR B 49 0.09 0.42 19.01
N ASP B 50 1.00 0.93 19.86
CA ASP B 50 1.01 2.37 20.13
C ASP B 50 1.90 3.12 19.12
N SER B 51 1.29 4.01 18.34
CA SER B 51 2.06 4.97 17.54
C SER B 51 1.15 6.14 17.20
N ALA B 52 1.74 7.33 17.20
CA ALA B 52 1.02 8.52 16.71
C ALA B 52 0.80 8.46 15.19
N ASP B 53 1.61 7.66 14.47
CA ASP B 53 1.46 7.53 13.03
C ASP B 53 0.12 6.88 12.73
N ILE B 54 -0.39 7.18 11.54
CA ILE B 54 -1.54 6.44 10.99
C ILE B 54 -0.93 5.27 10.19
N ASN B 55 -0.94 4.08 10.77
CA ASN B 55 -0.24 2.94 10.18
C ASN B 55 -0.99 1.65 10.41
N ALA B 56 -0.99 0.76 9.42
CA ALA B 56 -1.40 -0.61 9.66
C ALA B 56 -0.32 -1.47 9.00
N PHE B 57 0.00 -2.58 9.66
CA PHE B 57 0.85 -3.58 9.01
C PHE B 57 0.27 -4.97 9.17
N ALA B 58 0.63 -5.86 8.25
CA ALA B 58 -0.02 -7.16 8.20
C ALA B 58 0.96 -8.13 7.59
N THR B 59 0.85 -9.39 7.96
CA THR B 59 1.65 -10.39 7.31
C THR B 59 0.92 -11.72 7.15
N GLY B 60 1.12 -12.34 6.00
CA GLY B 60 0.71 -13.72 5.78
C GLY B 60 1.92 -14.53 5.33
N ALA B 61 3.13 -14.04 5.61
CA ALA B 61 4.36 -14.74 5.25
C ALA B 61 4.44 -16.09 5.99
N LYS B 62 5.03 -17.08 5.33
CA LYS B 62 5.19 -18.41 5.95
C LYS B 62 5.81 -18.34 7.35
N ARG B 63 6.82 -17.47 7.50
CA ARG B 63 7.57 -17.27 8.75
C ARG B 63 6.72 -16.86 9.97
N ASP B 64 5.69 -16.04 9.72
N ASP B 64 5.65 -16.12 9.74
CA ASP B 64 4.86 -15.41 10.77
CA ASP B 64 4.88 -15.57 10.84
C ASP B 64 3.52 -16.15 10.97
C ASP B 64 3.55 -16.29 11.02
N ASP B 65 2.94 -16.05 12.18
CA ASP B 65 1.49 -16.30 12.36
C ASP B 65 0.81 -15.21 11.56
N SER B 66 -0.29 -15.50 10.88
CA SER B 66 -1.00 -14.43 10.14
C SER B 66 -1.46 -13.30 11.10
N LEU B 67 -1.24 -12.03 10.73
CA LEU B 67 -1.44 -10.93 11.67
C LEU B 67 -1.86 -9.67 10.96
N VAL B 68 -2.77 -8.92 11.59
CA VAL B 68 -3.07 -7.56 11.18
C VAL B 68 -2.90 -6.69 12.42
N ALA B 69 -2.06 -5.65 12.34
CA ALA B 69 -1.83 -4.79 13.50
C ALA B 69 -2.11 -3.35 13.09
N VAL B 70 -2.91 -2.63 13.88
CA VAL B 70 -3.19 -1.23 13.56
C VAL B 70 -2.65 -0.35 14.66
N SER B 71 -2.19 0.85 14.30
CA SER B 71 -1.73 1.76 15.34
C SER B 71 -2.91 2.45 16.03
N THR B 72 -2.68 2.92 17.23
CA THR B 72 -3.64 3.78 17.90
C THR B 72 -3.88 5.04 17.06
N GLY B 73 -2.83 5.55 16.40
CA GLY B 73 -2.98 6.76 15.58
C GLY B 73 -3.97 6.54 14.42
N LEU B 74 -3.94 5.36 13.83
CA LEU B 74 -4.91 5.01 12.78
C LEU B 74 -6.35 5.03 13.32
N LEU B 75 -6.56 4.35 14.45
CA LEU B 75 -7.90 4.28 15.08
C LEU B 75 -8.40 5.67 15.51
N HIS B 76 -7.47 6.54 15.92
CA HIS B 76 -7.81 7.92 16.31
C HIS B 76 -8.18 8.84 15.15
N ASN B 77 -7.57 8.64 13.99
CA ASN B 77 -7.67 9.61 12.91
C ASN B 77 -8.50 9.20 11.70
N MSE B 78 -8.67 7.90 11.50
N MSE B 78 -8.64 7.90 11.46
CA MSE B 78 -9.41 7.40 10.33
CA MSE B 78 -9.39 7.45 10.27
C MSE B 78 -10.86 7.16 10.65
C MSE B 78 -10.85 7.12 10.61
O MSE B 78 -11.19 6.68 11.74
O MSE B 78 -11.12 6.54 11.67
CB MSE B 78 -8.79 6.08 9.86
CB MSE B 78 -8.76 6.21 9.64
CG MSE B 78 -7.34 6.19 9.55
CG MSE B 78 -7.34 6.39 9.23
SE MSE B 78 -7.19 7.29 8.00
SE MSE B 78 -6.82 5.01 7.97
CE MSE B 78 -7.24 5.84 6.68
CE MSE B 78 -7.37 5.79 6.31
N THR B 79 -11.75 7.42 9.69
CA THR B 79 -13.15 7.00 9.83
C THR B 79 -13.18 5.51 9.60
N ARG B 80 -14.29 4.87 10.00
CA ARG B 80 -14.44 3.45 9.74
C ARG B 80 -14.32 3.14 8.26
N ASP B 81 -15.00 3.93 7.41
CA ASP B 81 -14.92 3.68 5.97
C ASP B 81 -13.49 3.76 5.43
N GLU B 82 -12.76 4.78 5.87
CA GLU B 82 -11.35 4.94 5.46
C GLU B 82 -10.48 3.79 5.91
N ALA B 83 -10.63 3.42 7.18
CA ALA B 83 -9.80 2.37 7.76
C ALA B 83 -10.10 0.99 7.11
N GLU B 84 -11.38 0.74 6.83
N GLU B 84 -11.37 0.74 6.84
CA GLU B 84 -11.81 -0.50 6.16
CA GLU B 84 -11.75 -0.50 6.16
C GLU B 84 -11.16 -0.68 4.76
C GLU B 84 -11.02 -0.66 4.84
N ALA B 85 -10.98 0.42 4.05
CA ALA B 85 -10.30 0.38 2.74
C ALA B 85 -8.82 -0.02 2.88
N VAL B 86 -8.15 0.58 3.85
CA VAL B 86 -6.76 0.23 4.13
C VAL B 86 -6.65 -1.23 4.51
N LEU B 87 -7.52 -1.68 5.42
CA LEU B 87 -7.42 -3.06 5.91
C LEU B 87 -7.71 -4.06 4.78
N ALA B 88 -8.69 -3.75 3.95
CA ALA B 88 -9.04 -4.63 2.84
C ALA B 88 -7.82 -4.81 1.94
N HIS B 89 -7.13 -3.72 1.65
CA HIS B 89 -5.94 -3.81 0.80
C HIS B 89 -4.85 -4.65 1.49
N GLU B 90 -4.66 -4.44 2.80
CA GLU B 90 -3.62 -5.22 3.49
C GLU B 90 -3.94 -6.71 3.59
N VAL B 91 -5.21 -7.01 3.78
CA VAL B 91 -5.67 -8.43 3.76
C VAL B 91 -5.34 -9.09 2.40
N SER B 92 -5.47 -8.35 1.31
CA SER B 92 -5.10 -8.89 -0.03
C SER B 92 -3.62 -9.29 -0.09
N HIS B 93 -2.75 -8.55 0.60
CA HIS B 93 -1.35 -8.91 0.71
C HIS B 93 -1.10 -10.13 1.59
N ILE B 94 -1.77 -10.21 2.74
CA ILE B 94 -1.74 -11.43 3.56
C ILE B 94 -2.07 -12.65 2.71
N ALA B 95 -3.13 -12.54 1.90
CA ALA B 95 -3.60 -13.69 1.13
C ALA B 95 -2.54 -14.10 0.10
N ASN B 96 -1.69 -13.15 -0.27
CA ASN B 96 -0.60 -13.37 -1.23
C ASN B 96 0.64 -13.92 -0.53
N GLY B 97 0.58 -14.05 0.80
CA GLY B 97 1.71 -14.54 1.58
C GLY B 97 2.83 -13.53 1.80
N ASP B 98 2.48 -12.24 1.72
CA ASP B 98 3.45 -11.16 1.88
C ASP B 98 3.25 -10.39 3.21
N MSE B 99 4.24 -9.56 3.57
CA MSE B 99 4.11 -8.61 4.68
C MSE B 99 3.98 -7.23 4.05
O MSE B 99 4.66 -6.93 3.04
CB MSE B 99 5.32 -8.65 5.62
CG MSE B 99 5.32 -7.56 6.70
SE MSE B 99 6.81 -7.74 7.95
CE MSE B 99 6.21 -9.29 8.90
N VAL B 100 3.12 -6.38 4.61
CA VAL B 100 2.89 -5.04 4.06
C VAL B 100 2.81 -4.08 5.22
N THR B 101 3.31 -2.87 5.00
CA THR B 101 3.08 -1.80 5.99
C THR B 101 2.69 -0.56 5.21
N MSE B 102 1.74 0.21 5.73
CA MSE B 102 1.27 1.38 5.00
C MSE B 102 1.12 2.49 6.01
O MSE B 102 0.51 2.30 7.07
CB MSE B 102 -0.10 1.11 4.38
CG MSE B 102 -0.49 2.14 3.32
SE MSE B 102 -2.34 1.98 2.73
CE MSE B 102 -2.44 0.04 2.56
N THR B 103 1.63 3.67 5.64
CA THR B 103 1.51 4.81 6.55
C THR B 103 0.89 5.96 5.77
N LEU B 104 -0.04 6.67 6.42
CA LEU B 104 -0.77 7.76 5.78
C LEU B 104 -0.61 9.07 6.51
N MSE B 105 -0.77 10.16 5.79
CA MSE B 105 -0.91 11.49 6.40
C MSE B 105 -2.08 12.17 5.74
O MSE B 105 -2.20 12.16 4.51
CB MSE B 105 0.34 12.33 6.21
CG MSE B 105 1.50 11.87 7.07
SE MSE B 105 3.14 12.84 6.67
CE MSE B 105 2.46 14.55 6.07
N GLN B 106 -2.90 12.83 6.53
CA GLN B 106 -4.12 13.41 6.00
C GLN B 106 -3.83 14.84 5.59
N GLY B 107 -4.32 15.24 4.41
CA GLY B 107 -4.08 16.58 3.89
C GLY B 107 -5.17 17.54 4.36
CL CL C . 12.07 -2.00 -14.44
NA NA D . 16.41 0.27 0.84
C1 EDO E . -7.82 0.09 -3.79
O1 EDO E . -8.30 0.56 -5.06
C2 EDO E . -9.04 0.03 -2.90
O2 EDO E . -8.84 0.94 -1.83
C1 EDO F . 27.12 3.45 -26.61
O1 EDO F . 25.97 2.78 -27.17
C2 EDO F . 26.84 4.96 -26.56
O2 EDO F . 25.89 5.30 -25.54
C1 EDO G . 17.06 -7.15 -8.32
O1 EDO G . 17.24 -7.29 -9.71
C2 EDO G . 15.63 -7.53 -7.99
O2 EDO G . 15.45 -7.49 -6.57
NA NA H . -0.78 5.10 21.86
C1 EDO I . -7.32 -4.47 -2.73
O1 EDO I . -6.39 -3.93 -3.66
C2 EDO I . -7.88 -3.29 -1.99
O2 EDO I . -9.22 -3.61 -1.64
C1 EDO J . -3.26 9.04 18.57
O1 EDO J . -4.17 8.57 19.57
C2 EDO J . -1.99 8.22 18.66
O2 EDO J . -1.97 7.36 19.80
C1 GOL K . -13.42 2.58 14.75
O1 GOL K . -14.41 3.62 14.79
C2 GOL K . -12.03 3.16 14.48
O2 GOL K . -11.76 4.26 15.31
C3 GOL K . -11.89 3.62 13.03
O3 GOL K . -10.56 4.05 12.76
#